data_3UQH
#
_entry.id   3UQH
#
_cell.length_a   80.466
_cell.length_b   80.466
_cell.length_c   124.929
_cell.angle_alpha   90.00
_cell.angle_beta   90.00
_cell.angle_gamma   120.00
#
_symmetry.space_group_name_H-M   'P 31 2 1'
#
loop_
_entity.id
_entity.type
_entity.pdbx_description
1 polymer 'Abscisic acid receptor PYL10'
2 non-polymer 'SULFATE ION'
3 water water
#
_entity_poly.entity_id   1
_entity_poly.type   'polypeptide(L)'
_entity_poly.pdbx_seq_one_letter_code
;MNGDETKKVESEYIKKHHRHELVESQCSSTLVKHIKAPLHLVWSIVRRFDEPQKYKPFISRCVVQGKKLEVGSVREVDLK
SGLPATKSTEVLEILDDNEHILGIRIVGGDHRLKNYSSTISLHSETIDGKTGTLAIESFVVDVPEGNTKEETCFFVEALI
QCNLNSLADVTERLQAESMEKKILEHHHHHH
;
_entity_poly.pdbx_strand_id   A,B
#
loop_
_chem_comp.id
_chem_comp.type
_chem_comp.name
_chem_comp.formula
SO4 non-polymer 'SULFATE ION' 'O4 S -2'
#
# COMPACT_ATOMS: atom_id res chain seq x y z
N SER A 25 9.79 -16.81 3.47
CA SER A 25 9.30 -16.12 4.69
C SER A 25 9.86 -14.71 4.79
N GLN A 26 10.71 -14.36 3.82
CA GLN A 26 11.31 -13.02 3.75
C GLN A 26 11.12 -12.33 2.40
N CYS A 27 11.00 -11.02 2.45
CA CYS A 27 10.57 -10.23 1.33
C CYS A 27 11.70 -9.29 0.90
N SER A 28 12.35 -9.58 -0.21
CA SER A 28 13.57 -8.86 -0.63
C SER A 28 13.43 -8.29 -2.02
N SER A 29 13.88 -7.05 -2.22
CA SER A 29 13.58 -6.32 -3.44
C SER A 29 14.41 -5.04 -3.57
N THR A 30 14.76 -4.69 -4.81
CA THR A 30 15.45 -3.40 -5.08
C THR A 30 14.73 -2.53 -6.11
N LEU A 31 14.65 -1.24 -5.81
CA LEU A 31 14.00 -0.23 -6.63
C LEU A 31 15.03 0.75 -7.21
N VAL A 32 14.68 1.36 -8.33
CA VAL A 32 15.61 2.23 -9.00
C VAL A 32 14.92 3.53 -9.38
N LYS A 33 15.64 4.64 -9.34
CA LYS A 33 15.07 5.91 -9.77
C LYS A 33 16.10 6.78 -10.49
N HIS A 34 15.80 7.13 -11.74
CA HIS A 34 16.65 8.08 -12.46
C HIS A 34 16.16 9.50 -12.21
N ILE A 35 16.99 10.28 -11.53
CA ILE A 35 16.65 11.64 -11.13
C ILE A 35 17.41 12.67 -11.97
N LYS A 36 16.70 13.67 -12.49
CA LYS A 36 17.31 14.72 -13.31
C LYS A 36 17.85 15.90 -12.49
N ALA A 37 18.83 15.61 -11.63
CA ALA A 37 19.50 16.62 -10.81
C ALA A 37 20.89 16.12 -10.41
N PRO A 38 21.81 17.05 -10.10
CA PRO A 38 23.18 16.66 -9.73
C PRO A 38 23.21 15.86 -8.44
N LEU A 39 24.22 15.02 -8.30
CA LEU A 39 24.32 14.15 -7.14
C LEU A 39 24.48 14.94 -5.83
N HIS A 40 25.32 15.98 -5.84
CA HIS A 40 25.49 16.77 -4.62
C HIS A 40 24.13 17.22 -4.07
N LEU A 41 23.19 17.52 -4.96
CA LEU A 41 21.90 18.05 -4.54
C LEU A 41 20.99 16.96 -3.97
N VAL A 42 20.89 15.84 -4.67
CA VAL A 42 20.07 14.72 -4.20
C VAL A 42 20.59 14.18 -2.88
N TRP A 43 21.91 13.96 -2.80
CA TRP A 43 22.51 13.52 -1.56
C TRP A 43 22.27 14.56 -0.48
N SER A 44 22.39 15.84 -0.86
CA SER A 44 22.08 16.95 0.02
C SER A 44 20.80 16.71 0.81
N ILE A 45 19.75 16.24 0.13
CA ILE A 45 18.50 15.87 0.77
C ILE A 45 18.55 14.48 1.41
N VAL A 46 18.95 13.48 0.65
CA VAL A 46 18.88 12.07 1.08
C VAL A 46 19.61 11.75 2.39
N ARG A 47 20.76 12.41 2.61
CA ARG A 47 21.57 12.23 3.84
C ARG A 47 20.94 12.83 5.11
N ARG A 48 19.77 13.46 4.97
CA ARG A 48 19.15 14.15 6.05
C ARG A 48 18.36 13.00 6.74
N PHE A 49 18.94 12.48 7.83
CA PHE A 49 18.39 11.36 8.51
C PHE A 49 17.40 11.95 9.58
N ASP A 50 17.71 13.16 10.02
CA ASP A 50 16.88 13.91 10.94
C ASP A 50 15.63 14.55 10.29
N GLU A 51 15.60 14.58 8.95
CA GLU A 51 14.49 15.19 8.24
C GLU A 51 14.06 14.38 7.02
N PRO A 52 13.51 13.17 7.24
CA PRO A 52 13.01 12.44 6.09
C PRO A 52 11.76 13.09 5.49
N GLN A 53 11.18 14.07 6.19
CA GLN A 53 10.06 14.88 5.67
C GLN A 53 10.43 15.62 4.39
N LYS A 54 11.72 15.95 4.24
CA LYS A 54 12.16 16.73 3.10
C LYS A 54 11.65 16.14 1.79
N TYR A 55 11.65 14.81 1.70
CA TYR A 55 11.10 14.12 0.53
C TYR A 55 10.09 12.98 0.79
N LYS A 56 10.13 12.30 1.95
CA LYS A 56 9.18 11.20 2.22
C LYS A 56 7.77 11.70 2.53
N PRO A 57 6.76 11.25 1.76
CA PRO A 57 5.47 11.93 1.83
C PRO A 57 4.49 11.56 2.96
N PHE A 58 4.77 10.53 3.76
CA PHE A 58 3.80 10.21 4.80
C PHE A 58 4.15 10.75 6.18
N ILE A 59 5.28 11.44 6.25
CA ILE A 59 5.89 11.80 7.51
C ILE A 59 5.50 13.20 7.97
N SER A 60 5.00 13.26 9.19
CA SER A 60 4.53 14.50 9.83
C SER A 60 5.59 15.15 10.76
N ARG A 61 6.25 14.32 11.56
CA ARG A 61 7.29 14.76 12.49
C ARG A 61 8.44 13.76 12.68
N CYS A 62 9.66 14.29 12.85
CA CYS A 62 10.84 13.46 13.09
C CYS A 62 11.66 13.99 14.27
N VAL A 63 11.64 13.26 15.37
CA VAL A 63 12.46 13.58 16.53
C VAL A 63 13.70 12.70 16.46
N VAL A 64 14.87 13.26 16.78
CA VAL A 64 16.12 12.49 16.82
C VAL A 64 16.79 12.62 18.20
N GLN A 65 16.98 11.48 18.86
CA GLN A 65 17.56 11.43 20.21
C GLN A 65 19.09 11.54 20.21
N GLY A 66 19.62 12.48 21.00
CA GLY A 66 21.06 12.75 21.04
C GLY A 66 21.61 13.20 19.69
N LYS A 67 22.79 12.67 19.35
CA LYS A 67 23.49 13.02 18.13
C LYS A 67 22.53 13.02 16.96
N LYS A 68 22.73 13.98 16.05
CA LYS A 68 21.88 14.15 14.89
C LYS A 68 21.93 12.93 13.99
N LEU A 69 23.10 12.69 13.40
CA LEU A 69 23.26 11.61 12.43
C LEU A 69 24.62 10.94 12.55
N GLU A 70 24.76 10.09 13.56
CA GLU A 70 25.99 9.35 13.78
C GLU A 70 25.46 7.94 13.92
N VAL A 71 26.22 6.97 13.40
CA VAL A 71 25.78 5.58 13.34
C VAL A 71 25.25 5.16 14.71
N GLY A 72 24.04 4.62 14.74
CA GLY A 72 23.46 4.18 16.01
C GLY A 72 22.31 5.04 16.48
N SER A 73 22.24 6.27 15.97
CA SER A 73 21.20 7.23 16.35
C SER A 73 19.84 6.73 15.93
N VAL A 74 18.86 7.01 16.78
CA VAL A 74 17.51 6.53 16.62
C VAL A 74 16.59 7.71 16.32
N ARG A 75 15.60 7.49 15.46
CA ARG A 75 14.60 8.50 15.18
C ARG A 75 13.20 7.99 15.40
N GLU A 76 12.39 8.77 16.10
CA GLU A 76 10.98 8.47 16.21
C GLU A 76 10.26 9.25 15.13
N VAL A 77 9.66 8.53 14.17
CA VAL A 77 8.91 9.16 13.07
C VAL A 77 7.41 9.15 13.36
N ASP A 78 6.78 10.31 13.23
CA ASP A 78 5.34 10.38 13.31
C ASP A 78 4.76 10.46 11.91
N LEU A 79 3.83 9.58 11.60
CA LEU A 79 3.13 9.64 10.33
C LEU A 79 2.06 10.72 10.37
N LYS A 80 1.57 11.13 9.20
CA LYS A 80 0.50 12.10 9.11
C LYS A 80 -0.82 11.44 9.52
N SER A 81 -1.84 12.26 9.76
CA SER A 81 -3.16 11.75 10.13
C SER A 81 -3.88 10.97 9.03
N GLY A 82 -4.73 10.04 9.45
CA GLY A 82 -5.58 9.30 8.52
C GLY A 82 -4.97 8.11 7.81
N LEU A 83 -3.78 7.69 8.24
CA LEU A 83 -3.11 6.53 7.65
C LEU A 83 -3.18 5.30 8.56
N PRO A 84 -3.05 4.09 7.98
CA PRO A 84 -3.20 2.85 8.76
C PRO A 84 -2.15 2.63 9.87
N ALA A 85 -1.08 3.40 9.89
CA ALA A 85 -0.15 3.41 11.01
C ALA A 85 0.24 4.82 11.41
N THR A 86 0.54 5.05 12.69
CA THR A 86 0.92 6.39 13.16
C THR A 86 2.34 6.69 13.63
N LYS A 87 3.20 5.68 13.77
CA LYS A 87 4.54 5.92 14.31
C LYS A 87 5.56 4.85 13.89
N SER A 88 6.81 5.25 13.73
CA SER A 88 7.85 4.28 13.38
C SER A 88 9.15 4.63 14.10
N THR A 89 9.83 3.60 14.60
CA THR A 89 11.12 3.80 15.27
C THR A 89 12.23 3.17 14.44
N GLU A 90 13.11 4.02 13.92
CA GLU A 90 14.13 3.59 12.97
C GLU A 90 15.54 3.86 13.50
N VAL A 91 16.54 3.14 13.00
CA VAL A 91 17.93 3.25 13.48
C VAL A 91 18.88 3.58 12.33
N LEU A 92 19.79 4.51 12.53
CA LEU A 92 20.77 4.80 11.49
C LEU A 92 21.86 3.74 11.47
N GLU A 93 22.00 3.05 10.35
CA GLU A 93 22.96 1.96 10.25
C GLU A 93 24.19 2.28 9.43
N ILE A 94 24.01 2.99 8.32
CA ILE A 94 25.11 3.51 7.50
C ILE A 94 24.84 4.97 7.11
N LEU A 95 25.79 5.85 7.38
CA LEU A 95 25.80 7.15 6.74
C LEU A 95 27.18 7.40 6.15
N ASP A 96 27.25 7.39 4.82
CA ASP A 96 28.50 7.58 4.10
C ASP A 96 28.44 8.79 3.17
N ASP A 97 29.00 9.91 3.63
CA ASP A 97 29.12 11.14 2.84
C ASP A 97 29.99 11.01 1.58
N ASN A 98 30.86 10.00 1.57
CA ASN A 98 31.81 9.81 0.48
C ASN A 98 31.25 8.90 -0.60
N GLU A 99 30.68 7.77 -0.20
CA GLU A 99 30.20 6.78 -1.13
C GLU A 99 28.68 6.92 -1.39
N HIS A 100 28.06 7.87 -0.69
CA HIS A 100 26.66 8.23 -0.84
C HIS A 100 25.62 7.14 -0.51
N ILE A 101 25.86 6.45 0.60
CA ILE A 101 25.00 5.37 1.08
C ILE A 101 24.29 5.71 2.37
N LEU A 102 22.98 5.44 2.44
CA LEU A 102 22.26 5.63 3.68
C LEU A 102 21.48 4.37 4.01
N GLY A 103 21.83 3.75 5.13
CA GLY A 103 21.17 2.54 5.59
C GLY A 103 20.44 2.74 6.91
N ILE A 104 19.21 2.27 6.97
CA ILE A 104 18.43 2.33 8.20
C ILE A 104 17.85 0.96 8.52
N ARG A 105 17.34 0.82 9.73
CA ARG A 105 16.64 -0.39 10.14
C ARG A 105 15.47 0.07 10.98
N ILE A 106 14.30 -0.48 10.70
CA ILE A 106 13.15 -0.22 11.57
C ILE A 106 13.14 -1.23 12.72
N VAL A 107 12.89 -0.74 13.93
CA VAL A 107 12.93 -1.57 15.15
C VAL A 107 11.68 -1.44 16.03
N GLY A 108 10.70 -0.66 15.54
CA GLY A 108 9.44 -0.48 16.26
C GLY A 108 8.49 0.47 15.54
N GLY A 109 7.37 0.78 16.20
CA GLY A 109 6.29 1.55 15.59
C GLY A 109 5.06 0.69 15.39
N ASP A 110 3.97 1.27 14.92
CA ASP A 110 2.71 0.55 14.90
C ASP A 110 2.36 0.06 13.49
N HIS A 111 3.33 0.08 12.59
CA HIS A 111 3.14 -0.45 11.25
C HIS A 111 3.22 -1.98 11.27
N ARG A 112 3.72 -2.50 12.38
CA ARG A 112 3.87 -3.94 12.61
C ARG A 112 4.88 -4.58 11.65
N LEU A 113 5.70 -3.75 11.01
CA LEU A 113 6.74 -4.23 10.10
C LEU A 113 7.83 -4.96 10.87
N LYS A 114 8.11 -6.21 10.49
CA LYS A 114 9.05 -7.02 11.27
C LYS A 114 10.37 -7.30 10.55
N ASN A 115 11.46 -6.88 11.19
CA ASN A 115 12.80 -6.94 10.64
C ASN A 115 12.95 -6.18 9.34
N TYR A 116 12.28 -5.05 9.20
CA TYR A 116 12.48 -4.20 8.03
C TYR A 116 13.88 -3.63 8.04
N SER A 117 14.58 -3.71 6.92
CA SER A 117 15.82 -2.94 6.74
C SER A 117 15.95 -2.47 5.31
N SER A 118 16.45 -1.25 5.16
CA SER A 118 16.50 -0.61 3.87
C SER A 118 17.85 -0.01 3.72
N THR A 119 18.25 0.24 2.48
CA THR A 119 19.55 0.84 2.24
C THR A 119 19.40 1.45 0.84
N ILE A 120 19.96 2.65 0.69
CA ILE A 120 19.84 3.44 -0.50
C ILE A 120 21.23 3.97 -0.84
N SER A 121 21.58 3.93 -2.12
CA SER A 121 22.80 4.53 -2.59
C SER A 121 22.49 5.44 -3.77
N LEU A 122 23.22 6.55 -3.84
CA LEU A 122 23.12 7.50 -4.95
C LEU A 122 24.34 7.41 -5.84
N HIS A 123 24.12 7.39 -7.15
CA HIS A 123 25.20 7.28 -8.10
C HIS A 123 25.07 8.29 -9.22
N SER A 124 26.19 8.87 -9.58
CA SER A 124 26.29 9.86 -10.65
C SER A 124 26.21 9.27 -12.07
N GLU A 125 25.50 9.94 -12.96
CA GLU A 125 25.39 9.49 -14.35
C GLU A 125 25.21 10.64 -15.32
N THR A 126 25.65 10.44 -16.56
CA THR A 126 25.45 11.42 -17.62
C THR A 126 24.59 10.78 -18.70
N ILE A 127 23.34 11.23 -18.80
CA ILE A 127 22.37 10.58 -19.66
C ILE A 127 21.78 11.67 -20.56
N ASP A 128 21.84 11.44 -21.87
CA ASP A 128 21.31 12.40 -22.84
C ASP A 128 22.01 13.75 -22.85
N GLY A 129 23.31 13.74 -22.56
CA GLY A 129 24.09 14.95 -22.54
C GLY A 129 23.68 15.95 -21.51
N LYS A 130 23.29 15.47 -20.33
CA LYS A 130 22.94 16.32 -19.20
C LYS A 130 23.11 15.52 -17.90
N THR A 131 23.87 16.06 -16.96
CA THR A 131 24.19 15.35 -15.74
C THR A 131 22.98 14.91 -14.93
N GLY A 132 23.13 13.82 -14.17
CA GLY A 132 22.03 13.28 -13.35
C GLY A 132 22.42 12.25 -12.30
N THR A 133 21.44 11.82 -11.52
CA THR A 133 21.68 10.90 -10.42
C THR A 133 20.77 9.68 -10.49
N LEU A 134 21.39 8.51 -10.40
CA LEU A 134 20.66 7.27 -10.22
C LEU A 134 20.63 6.96 -8.75
N ALA A 135 19.41 6.80 -8.22
CA ALA A 135 19.23 6.32 -6.86
C ALA A 135 18.73 4.90 -6.94
N ILE A 136 19.26 4.06 -6.05
CA ILE A 136 18.96 2.63 -6.04
C ILE A 136 18.78 2.18 -4.60
N GLU A 137 17.56 1.75 -4.28
CA GLU A 137 17.18 1.38 -2.91
C GLU A 137 16.75 -0.08 -2.78
N SER A 138 17.38 -0.78 -1.85
CA SER A 138 17.13 -2.19 -1.58
C SER A 138 16.55 -2.38 -0.19
N PHE A 139 15.43 -3.09 -0.08
CA PHE A 139 14.89 -3.36 1.24
C PHE A 139 14.79 -4.86 1.51
N VAL A 140 14.70 -5.22 2.79
CA VAL A 140 14.42 -6.59 3.23
C VAL A 140 13.52 -6.57 4.49
N VAL A 141 12.41 -7.30 4.44
CA VAL A 141 11.49 -7.32 5.57
C VAL A 141 10.79 -8.69 5.68
N ASP A 142 10.42 -9.10 6.90
CA ASP A 142 9.69 -10.36 7.12
C ASP A 142 8.25 -10.26 6.61
N VAL A 143 7.76 -11.32 5.97
CA VAL A 143 6.38 -11.33 5.49
C VAL A 143 5.46 -11.64 6.67
N PRO A 144 4.35 -10.90 6.77
CA PRO A 144 3.35 -11.14 7.81
C PRO A 144 2.94 -12.59 7.74
N GLU A 145 2.85 -13.26 8.89
CA GLU A 145 2.51 -14.69 8.92
C GLU A 145 1.05 -14.88 8.58
N GLY A 146 0.71 -16.00 7.95
CA GLY A 146 -0.66 -16.20 7.44
C GLY A 146 -0.95 -15.40 6.17
N ASN A 147 0.05 -14.70 5.67
CA ASN A 147 -0.02 -14.07 4.38
C ASN A 147 1.17 -14.50 3.55
N THR A 148 1.00 -14.53 2.23
CA THR A 148 2.07 -14.95 1.35
C THR A 148 2.80 -13.76 0.76
N LYS A 149 4.07 -13.98 0.43
CA LYS A 149 4.92 -12.99 -0.23
C LYS A 149 4.20 -12.28 -1.38
N GLU A 150 3.38 -13.01 -2.14
CA GLU A 150 2.63 -12.45 -3.28
C GLU A 150 1.62 -11.37 -2.89
N GLU A 151 1.03 -11.54 -1.71
CA GLU A 151 -0.02 -10.65 -1.25
C GLU A 151 0.53 -9.43 -0.57
N THR A 152 1.83 -9.44 -0.30
CA THR A 152 2.34 -8.45 0.64
C THR A 152 3.52 -7.57 0.23
N CYS A 153 4.37 -8.02 -0.71
CA CYS A 153 5.60 -7.26 -0.99
C CYS A 153 5.40 -6.05 -1.86
N PHE A 154 4.49 -6.17 -2.81
CA PHE A 154 4.28 -5.11 -3.76
C PHE A 154 3.84 -3.84 -3.04
N PHE A 155 3.20 -4.03 -1.89
CA PHE A 155 2.85 -2.91 -1.01
C PHE A 155 4.08 -2.16 -0.55
N VAL A 156 5.13 -2.89 -0.18
CA VAL A 156 6.37 -2.29 0.31
C VAL A 156 7.19 -1.72 -0.86
N GLU A 157 7.15 -2.37 -2.01
CA GLU A 157 7.82 -1.83 -3.18
C GLU A 157 7.17 -0.52 -3.58
N ALA A 158 5.84 -0.48 -3.47
CA ALA A 158 5.08 0.65 -3.93
C ALA A 158 5.36 1.86 -3.05
N LEU A 159 5.35 1.69 -1.75
CA LEU A 159 5.64 2.81 -0.86
C LEU A 159 7.03 3.38 -1.16
N ILE A 160 7.98 2.51 -1.46
CA ILE A 160 9.33 2.97 -1.73
C ILE A 160 9.39 3.62 -3.09
N GLN A 161 8.76 3.02 -4.08
CA GLN A 161 8.69 3.66 -5.39
C GLN A 161 8.11 5.04 -5.19
N CYS A 162 7.14 5.12 -4.28
CA CYS A 162 6.50 6.38 -3.94
C CYS A 162 7.49 7.42 -3.39
N ASN A 163 8.36 7.00 -2.48
CA ASN A 163 9.38 7.87 -1.91
C ASN A 163 10.40 8.25 -2.95
N LEU A 164 10.75 7.31 -3.81
CA LEU A 164 11.74 7.57 -4.85
C LEU A 164 11.20 8.56 -5.85
N ASN A 165 9.96 8.36 -6.30
CA ASN A 165 9.36 9.28 -7.24
C ASN A 165 9.27 10.67 -6.63
N SER A 166 8.95 10.71 -5.35
CA SER A 166 8.87 11.96 -4.62
C SER A 166 10.23 12.63 -4.51
N LEU A 167 11.25 11.84 -4.22
CA LEU A 167 12.61 12.33 -4.20
C LEU A 167 12.95 13.03 -5.51
N ALA A 168 12.62 12.40 -6.63
CA ALA A 168 12.86 12.98 -7.95
C ALA A 168 12.14 14.32 -8.09
N ASP A 169 10.88 14.35 -7.66
CA ASP A 169 10.08 15.55 -7.72
C ASP A 169 10.72 16.67 -6.91
N VAL A 170 10.96 16.39 -5.62
CA VAL A 170 11.55 17.38 -4.73
C VAL A 170 12.89 17.86 -5.28
N THR A 171 13.84 16.94 -5.40
CA THR A 171 15.16 17.24 -5.93
C THR A 171 15.15 18.02 -7.24
N GLU A 172 14.33 17.58 -8.20
CA GLU A 172 14.32 18.20 -9.52
C GLU A 172 13.77 19.62 -9.51
N ARG A 173 12.75 19.87 -8.69
CA ARG A 173 12.25 21.23 -8.49
C ARG A 173 13.36 22.15 -7.99
N LEU A 174 14.15 21.66 -7.03
CA LEU A 174 15.29 22.41 -6.47
C LEU A 174 16.33 22.75 -7.54
N GLN A 175 16.58 21.80 -8.44
CA GLN A 175 17.46 22.03 -9.58
C GLN A 175 16.89 23.16 -10.44
N ALA A 176 15.61 23.08 -10.77
CA ALA A 176 14.94 24.08 -11.61
C ALA A 176 15.02 25.49 -10.99
N GLU A 177 14.70 25.60 -9.71
CA GLU A 177 14.85 26.84 -8.95
C GLU A 177 16.28 27.37 -9.00
N SER A 178 17.25 26.49 -8.75
CA SER A 178 18.66 26.86 -8.82
C SER A 178 19.04 27.33 -10.22
N MET A 179 18.51 26.65 -11.25
CA MET A 179 18.71 27.08 -12.62
C MET A 179 17.93 28.35 -12.99
N GLU A 180 16.95 28.71 -12.17
CA GLU A 180 16.23 29.95 -12.34
C GLU A 180 17.09 31.11 -11.84
N LYS A 181 17.99 30.79 -10.90
CA LYS A 181 18.93 31.77 -10.37
C LYS A 181 20.07 31.90 -11.36
N LYS A 182 19.72 32.28 -12.60
CA LYS A 182 20.69 32.40 -13.66
C LYS A 182 21.07 33.86 -13.79
N ILE A 183 20.40 34.69 -12.98
CA ILE A 183 20.67 36.12 -13.00
C ILE A 183 19.69 36.86 -13.90
N SER B 25 -9.32 15.48 -3.51
CA SER B 25 -10.06 15.52 -2.21
C SER B 25 -10.68 14.16 -1.88
N GLN B 26 -11.10 13.45 -2.91
CA GLN B 26 -11.70 12.13 -2.76
C GLN B 26 -11.35 11.30 -3.99
N CYS B 27 -11.10 10.01 -3.79
CA CYS B 27 -10.77 9.19 -4.93
C CYS B 27 -11.62 7.98 -5.23
N SER B 28 -12.11 7.95 -6.46
CA SER B 28 -12.88 6.86 -6.98
C SER B 28 -12.03 6.15 -8.03
N SER B 29 -12.14 4.83 -8.07
CA SER B 29 -11.38 4.04 -9.00
C SER B 29 -12.12 2.74 -9.20
N THR B 30 -11.91 2.10 -10.34
CA THR B 30 -12.58 0.83 -10.63
C THR B 30 -11.62 -0.29 -11.02
N LEU B 31 -11.77 -1.40 -10.32
CA LEU B 31 -10.96 -2.58 -10.53
C LEU B 31 -11.76 -3.70 -11.22
N VAL B 32 -11.14 -4.31 -12.22
CA VAL B 32 -11.76 -5.34 -13.04
C VAL B 32 -10.99 -6.66 -12.93
N LYS B 33 -11.70 -7.78 -12.87
CA LYS B 33 -11.06 -9.11 -12.86
C LYS B 33 -11.87 -10.17 -13.59
N HIS B 34 -11.23 -10.84 -14.54
CA HIS B 34 -11.81 -11.97 -15.26
C HIS B 34 -11.57 -13.29 -14.52
N ILE B 35 -12.65 -14.04 -14.31
CA ILE B 35 -12.60 -15.27 -13.51
C ILE B 35 -13.07 -16.49 -14.30
N LYS B 36 -12.23 -17.55 -14.33
CA LYS B 36 -12.55 -18.80 -15.01
C LYS B 36 -13.39 -19.73 -14.13
N ALA B 37 -14.61 -19.29 -13.85
CA ALA B 37 -15.60 -20.04 -13.07
C ALA B 37 -17.03 -19.47 -13.29
N PRO B 38 -18.06 -20.30 -13.12
CA PRO B 38 -19.43 -19.87 -13.44
C PRO B 38 -19.94 -18.82 -12.47
N LEU B 39 -20.77 -17.91 -12.99
CA LEU B 39 -21.26 -16.78 -12.21
C LEU B 39 -21.90 -17.17 -10.89
N HIS B 40 -22.72 -18.22 -10.90
CA HIS B 40 -23.45 -18.61 -9.70
C HIS B 40 -22.49 -19.05 -8.62
N LEU B 41 -21.42 -19.72 -9.01
CA LEU B 41 -20.42 -20.14 -8.06
C LEU B 41 -19.70 -18.94 -7.47
N VAL B 42 -19.32 -17.98 -8.32
CA VAL B 42 -18.61 -16.77 -7.87
C VAL B 42 -19.48 -15.93 -6.95
N TRP B 43 -20.74 -15.74 -7.35
CA TRP B 43 -21.73 -15.06 -6.50
C TRP B 43 -21.86 -15.75 -5.14
N SER B 44 -21.94 -17.08 -5.13
CA SER B 44 -22.00 -17.87 -3.89
C SER B 44 -20.98 -17.46 -2.83
N ILE B 45 -19.81 -17.00 -3.26
CA ILE B 45 -18.78 -16.57 -2.31
C ILE B 45 -18.89 -15.06 -2.07
N VAL B 46 -18.95 -14.29 -3.15
CA VAL B 46 -19.08 -12.84 -3.04
C VAL B 46 -20.22 -12.47 -2.09
N ARG B 47 -21.39 -13.08 -2.31
CA ARG B 47 -22.61 -12.82 -1.53
C ARG B 47 -22.52 -12.98 -0.03
N ARG B 48 -21.49 -13.67 0.45
CA ARG B 48 -21.36 -13.95 1.89
C ARG B 48 -20.74 -12.68 2.48
N PHE B 49 -21.59 -11.90 3.15
CA PHE B 49 -21.22 -10.62 3.74
C PHE B 49 -20.66 -10.98 5.13
N ASP B 50 -21.12 -12.12 5.63
CA ASP B 50 -20.66 -12.61 6.92
C ASP B 50 -19.36 -13.44 6.82
N GLU B 51 -18.94 -13.73 5.58
CA GLU B 51 -17.71 -14.50 5.36
C GLU B 51 -16.81 -13.87 4.30
N PRO B 52 -16.15 -12.73 4.61
CA PRO B 52 -15.26 -12.10 3.64
C PRO B 52 -13.93 -12.86 3.64
N GLN B 53 -13.60 -13.49 4.76
CA GLN B 53 -12.36 -14.26 4.89
C GLN B 53 -12.36 -15.44 3.93
N LYS B 54 -13.53 -15.73 3.36
CA LYS B 54 -13.64 -16.79 2.37
C LYS B 54 -12.58 -16.59 1.30
N TYR B 55 -12.52 -15.38 0.77
CA TYR B 55 -11.50 -15.02 -0.18
C TYR B 55 -10.60 -13.79 0.07
N LYS B 56 -10.95 -12.97 1.04
CA LYS B 56 -10.16 -11.78 1.31
C LYS B 56 -8.95 -12.08 2.20
N PRO B 57 -7.73 -12.10 1.63
CA PRO B 57 -6.54 -12.65 2.29
C PRO B 57 -6.11 -11.97 3.61
N PHE B 58 -6.58 -10.74 3.86
CA PHE B 58 -6.15 -10.04 5.06
C PHE B 58 -7.12 -10.13 6.25
N ILE B 59 -8.27 -10.76 6.04
CA ILE B 59 -9.22 -10.97 7.12
C ILE B 59 -8.88 -12.27 7.86
N SER B 60 -8.93 -12.20 9.18
CA SER B 60 -8.70 -13.35 10.02
C SER B 60 -10.05 -13.94 10.45
N ARG B 61 -10.92 -13.11 11.02
CA ARG B 61 -12.28 -13.53 11.39
C ARG B 61 -13.33 -12.43 11.15
N CYS B 62 -14.60 -12.83 11.16
CA CYS B 62 -15.70 -11.89 10.89
C CYS B 62 -16.93 -12.19 11.74
N VAL B 63 -17.51 -11.15 12.33
CA VAL B 63 -18.75 -11.33 13.07
C VAL B 63 -19.84 -10.36 12.60
N VAL B 64 -21.00 -10.91 12.29
CA VAL B 64 -22.14 -10.12 11.87
C VAL B 64 -23.19 -10.04 12.99
N GLN B 65 -23.43 -8.83 13.48
CA GLN B 65 -24.51 -8.61 14.46
C GLN B 65 -25.89 -8.48 13.78
N GLY B 66 -26.80 -9.37 14.15
CA GLY B 66 -28.14 -9.42 13.57
C GLY B 66 -28.29 -10.55 12.56
N LYS B 67 -29.34 -10.48 11.74
CA LYS B 67 -29.51 -11.42 10.62
C LYS B 67 -28.41 -11.16 9.58
N LYS B 68 -27.62 -12.20 9.29
CA LYS B 68 -26.37 -12.07 8.53
C LYS B 68 -26.46 -11.37 7.17
N LEU B 69 -27.57 -11.56 6.44
CA LEU B 69 -27.69 -11.00 5.10
C LEU B 69 -28.96 -10.18 4.91
N GLU B 70 -29.01 -9.03 5.57
CA GLU B 70 -30.00 -8.00 5.25
C GLU B 70 -29.27 -6.70 4.99
N VAL B 71 -29.86 -5.83 4.18
CA VAL B 71 -29.31 -4.49 3.99
C VAL B 71 -29.41 -3.75 5.32
N GLY B 72 -28.25 -3.37 5.85
CA GLY B 72 -28.18 -2.72 7.16
C GLY B 72 -27.47 -3.56 8.20
N SER B 73 -27.06 -4.78 7.84
CA SER B 73 -26.32 -5.65 8.74
C SER B 73 -24.91 -5.13 8.88
N VAL B 74 -24.48 -4.94 10.11
CA VAL B 74 -23.11 -4.51 10.40
C VAL B 74 -22.22 -5.74 10.59
N ARG B 75 -20.99 -5.68 10.08
CA ARG B 75 -20.00 -6.72 10.38
C ARG B 75 -18.73 -6.13 11.02
N GLU B 76 -18.11 -6.91 11.89
CA GLU B 76 -16.90 -6.51 12.58
C GLU B 76 -15.76 -7.42 12.18
N VAL B 77 -14.88 -6.91 11.35
CA VAL B 77 -13.79 -7.67 10.77
C VAL B 77 -12.56 -7.60 11.67
N ASP B 78 -11.97 -8.74 11.97
CA ASP B 78 -10.62 -8.75 12.53
C ASP B 78 -9.62 -9.16 11.46
N LEU B 79 -8.74 -8.23 11.09
CA LEU B 79 -7.58 -8.52 10.23
C LEU B 79 -6.57 -9.50 10.85
N LYS B 80 -5.56 -9.87 10.07
CA LYS B 80 -4.51 -10.78 10.51
C LYS B 80 -3.36 -10.07 11.22
N SER B 81 -2.56 -10.84 11.93
CA SER B 81 -1.44 -10.31 12.68
C SER B 81 -0.32 -9.81 11.77
N GLY B 82 0.29 -8.71 12.18
CA GLY B 82 1.44 -8.17 11.48
C GLY B 82 1.14 -7.27 10.31
N LEU B 83 -0.10 -6.78 10.24
CA LEU B 83 -0.49 -5.80 9.22
C LEU B 83 -0.61 -4.42 9.85
N PRO B 84 -0.53 -3.35 9.04
CA PRO B 84 -0.73 -1.98 9.54
C PRO B 84 -2.02 -1.74 10.33
N ALA B 85 -3.11 -2.41 9.96
CA ALA B 85 -4.35 -2.29 10.72
C ALA B 85 -4.80 -3.63 11.35
N THR B 86 -5.75 -3.56 12.30
CA THR B 86 -6.23 -4.76 13.00
C THR B 86 -7.75 -4.99 12.94
N LYS B 87 -8.52 -3.92 12.76
CA LYS B 87 -9.97 -4.07 12.74
C LYS B 87 -10.67 -3.14 11.77
N SER B 88 -11.85 -3.56 11.31
CA SER B 88 -12.70 -2.74 10.45
C SER B 88 -14.16 -3.05 10.74
N THR B 89 -14.97 -2.01 10.84
CA THR B 89 -16.41 -2.19 11.01
C THR B 89 -17.06 -1.72 9.71
N GLU B 90 -17.88 -2.58 9.12
CA GLU B 90 -18.46 -2.32 7.80
C GLU B 90 -19.97 -2.59 7.78
N VAL B 91 -20.70 -1.84 6.94
CA VAL B 91 -22.17 -1.96 6.87
C VAL B 91 -22.66 -2.37 5.46
N LEU B 92 -23.36 -3.50 5.38
CA LEU B 92 -23.92 -3.96 4.10
C LEU B 92 -24.99 -3.00 3.60
N GLU B 93 -24.77 -2.46 2.41
CA GLU B 93 -25.61 -1.37 1.89
C GLU B 93 -26.47 -1.82 0.71
N ILE B 94 -25.93 -2.71 -0.12
CA ILE B 94 -26.67 -3.34 -1.22
C ILE B 94 -26.33 -4.83 -1.31
N LEU B 95 -27.38 -5.66 -1.33
CA LEU B 95 -27.25 -7.07 -1.70
C LEU B 95 -28.38 -7.43 -2.66
N ASP B 96 -28.01 -7.59 -3.92
CA ASP B 96 -28.98 -7.85 -4.97
C ASP B 96 -28.72 -9.21 -5.59
N ASP B 97 -29.52 -10.20 -5.20
CA ASP B 97 -29.33 -11.58 -5.66
C ASP B 97 -29.73 -11.71 -7.11
N ASN B 98 -30.27 -10.62 -7.66
CA ASN B 98 -30.76 -10.60 -9.04
C ASN B 98 -29.77 -10.11 -10.07
N GLU B 99 -29.31 -8.87 -9.88
CA GLU B 99 -28.28 -8.26 -10.74
C GLU B 99 -26.85 -8.58 -10.23
N HIS B 100 -26.78 -9.36 -9.15
CA HIS B 100 -25.51 -9.82 -8.55
C HIS B 100 -24.57 -8.70 -8.12
N ILE B 101 -25.08 -7.84 -7.24
CA ILE B 101 -24.36 -6.67 -6.78
C ILE B 101 -24.25 -6.68 -5.26
N LEU B 102 -23.10 -6.24 -4.77
CA LEU B 102 -22.85 -6.16 -3.34
C LEU B 102 -22.11 -4.87 -2.95
N GLY B 103 -22.80 -4.01 -2.20
CA GLY B 103 -22.24 -2.74 -1.76
C GLY B 103 -22.06 -2.73 -0.27
N ILE B 104 -20.91 -2.24 0.18
CA ILE B 104 -20.62 -2.06 1.60
C ILE B 104 -20.22 -0.61 1.84
N ARG B 105 -20.24 -0.18 3.10
CA ARG B 105 -19.63 1.08 3.47
C ARG B 105 -18.86 0.88 4.76
N ILE B 106 -17.55 1.03 4.72
CA ILE B 106 -16.78 0.98 5.97
C ILE B 106 -17.13 2.19 6.81
N VAL B 107 -17.37 1.96 8.11
CA VAL B 107 -17.82 2.99 9.03
C VAL B 107 -16.98 3.16 10.31
N GLY B 108 -16.00 2.28 10.51
CA GLY B 108 -15.14 2.36 11.67
C GLY B 108 -13.96 1.43 11.48
N GLY B 109 -13.09 1.36 12.49
CA GLY B 109 -11.90 0.49 12.45
C GLY B 109 -10.57 1.24 12.41
N ASP B 110 -9.52 0.62 12.94
CA ASP B 110 -8.25 1.31 13.17
C ASP B 110 -7.43 1.65 11.92
N HIS B 111 -7.97 1.35 10.72
CA HIS B 111 -7.28 1.63 9.45
C HIS B 111 -7.31 3.12 9.10
N ARG B 112 -8.26 3.83 9.72
CA ARG B 112 -8.37 5.29 9.62
C ARG B 112 -8.88 5.82 8.27
N LEU B 113 -9.23 4.89 7.36
CA LEU B 113 -9.93 5.26 6.12
C LEU B 113 -11.27 5.91 6.45
N LYS B 114 -11.54 7.02 5.78
CA LYS B 114 -12.76 7.79 5.99
C LYS B 114 -13.65 7.83 4.74
N ASN B 115 -14.93 7.57 4.94
CA ASN B 115 -15.96 7.63 3.89
C ASN B 115 -15.79 6.65 2.72
N TYR B 116 -15.24 5.47 2.99
CA TYR B 116 -15.05 4.43 1.97
C TYR B 116 -16.36 3.69 1.63
N SER B 117 -16.68 3.65 0.34
CA SER B 117 -17.79 2.86 -0.18
C SER B 117 -17.26 1.99 -1.31
N SER B 118 -17.81 0.78 -1.45
CA SER B 118 -17.31 -0.16 -2.43
C SER B 118 -18.43 -1.05 -2.95
N THR B 119 -18.54 -1.14 -4.26
CA THR B 119 -19.59 -1.95 -4.87
C THR B 119 -18.89 -2.99 -5.71
N ILE B 120 -19.33 -4.24 -5.63
CA ILE B 120 -18.83 -5.25 -6.56
C ILE B 120 -20.01 -5.83 -7.30
N SER B 121 -20.01 -5.65 -8.61
CA SER B 121 -21.02 -6.26 -9.46
C SER B 121 -20.37 -7.39 -10.25
N LEU B 122 -21.17 -8.40 -10.60
CA LEU B 122 -20.65 -9.61 -11.20
C LEU B 122 -21.41 -9.87 -12.50
N HIS B 123 -20.69 -9.90 -13.62
CA HIS B 123 -21.34 -10.15 -14.90
C HIS B 123 -20.86 -11.44 -15.59
N SER B 124 -21.78 -12.05 -16.33
CA SER B 124 -21.53 -13.31 -16.99
C SER B 124 -20.87 -13.06 -18.33
N GLU B 125 -19.72 -13.68 -18.52
CA GLU B 125 -18.98 -13.55 -19.76
C GLU B 125 -18.40 -14.92 -20.12
N THR B 126 -17.70 -14.98 -21.24
CA THR B 126 -17.18 -16.25 -21.69
C THR B 126 -15.69 -16.15 -21.96
N ILE B 127 -14.92 -16.97 -21.26
CA ILE B 127 -13.46 -16.90 -21.26
C ILE B 127 -12.90 -18.26 -21.68
N ASP B 128 -12.06 -18.24 -22.71
CA ASP B 128 -11.44 -19.45 -23.26
C ASP B 128 -12.46 -20.51 -23.63
N GLY B 129 -13.55 -20.05 -24.26
CA GLY B 129 -14.54 -20.94 -24.82
C GLY B 129 -15.51 -21.52 -23.81
N LYS B 130 -15.19 -21.39 -22.52
CA LYS B 130 -16.05 -21.88 -21.45
C LYS B 130 -16.61 -20.71 -20.66
N THR B 131 -17.59 -20.99 -19.80
CA THR B 131 -18.30 -19.95 -19.05
C THR B 131 -17.43 -19.31 -17.95
N GLY B 132 -17.61 -18.01 -17.76
CA GLY B 132 -16.78 -17.23 -16.84
C GLY B 132 -17.44 -15.98 -16.29
N THR B 133 -16.78 -15.34 -15.33
CA THR B 133 -17.33 -14.18 -14.65
C THR B 133 -16.40 -12.96 -14.72
N LEU B 134 -16.99 -11.83 -15.07
CA LEU B 134 -16.33 -10.55 -14.89
C LEU B 134 -16.73 -9.98 -13.53
N ALA B 135 -15.73 -9.62 -12.73
CA ALA B 135 -15.93 -8.92 -11.47
C ALA B 135 -15.60 -7.47 -11.71
N ILE B 136 -16.48 -6.59 -11.29
CA ILE B 136 -16.18 -5.17 -11.37
C ILE B 136 -16.38 -4.54 -10.00
N GLU B 137 -15.28 -4.12 -9.39
CA GLU B 137 -15.34 -3.47 -8.09
C GLU B 137 -15.00 -1.99 -8.20
N SER B 138 -15.96 -1.15 -7.82
CA SER B 138 -15.75 0.29 -7.75
C SER B 138 -15.62 0.68 -6.29
N PHE B 139 -14.95 1.79 -6.03
CA PHE B 139 -14.82 2.28 -4.67
C PHE B 139 -14.61 3.77 -4.67
N VAL B 140 -15.00 4.40 -3.57
CA VAL B 140 -14.82 5.83 -3.34
C VAL B 140 -14.30 6.01 -1.93
N VAL B 141 -13.26 6.81 -1.76
CA VAL B 141 -12.73 7.07 -0.43
C VAL B 141 -12.01 8.43 -0.38
N ASP B 142 -12.19 9.15 0.73
CA ASP B 142 -11.55 10.44 0.92
C ASP B 142 -10.05 10.28 0.97
N VAL B 143 -9.33 11.13 0.24
CA VAL B 143 -7.88 11.19 0.33
C VAL B 143 -7.50 11.86 1.64
N PRO B 144 -6.65 11.19 2.43
CA PRO B 144 -6.29 11.68 3.77
C PRO B 144 -5.76 13.10 3.75
N GLU B 145 -5.84 13.78 4.90
CA GLU B 145 -5.35 15.15 5.01
C GLU B 145 -3.86 15.24 4.75
N GLY B 146 -3.46 16.19 3.90
CA GLY B 146 -2.04 16.40 3.59
C GLY B 146 -1.38 15.42 2.62
N ASN B 147 -2.13 14.46 2.09
CA ASN B 147 -1.58 13.55 1.09
C ASN B 147 -2.31 13.64 -0.24
N THR B 148 -1.57 13.49 -1.33
CA THR B 148 -2.14 13.60 -2.68
C THR B 148 -2.69 12.28 -3.18
N LYS B 149 -3.68 12.31 -4.12
CA LYS B 149 -4.22 11.14 -4.82
C LYS B 149 -3.11 10.24 -5.31
N GLU B 150 -2.07 10.88 -5.83
CA GLU B 150 -0.95 10.15 -6.41
C GLU B 150 -0.15 9.39 -5.36
N GLU B 151 -0.17 9.87 -4.12
CA GLU B 151 0.48 9.18 -3.00
C GLU B 151 -0.42 8.06 -2.51
N THR B 152 -1.70 8.34 -2.38
CA THR B 152 -2.63 7.41 -1.71
C THR B 152 -3.34 6.32 -2.47
N CYS B 153 -4.02 6.65 -3.56
CA CYS B 153 -5.08 5.79 -4.09
C CYS B 153 -4.64 4.48 -4.73
N PHE B 154 -3.37 4.41 -5.14
CA PHE B 154 -2.83 3.17 -5.66
C PHE B 154 -2.67 2.10 -4.57
N PHE B 155 -2.65 2.49 -3.30
CA PHE B 155 -2.69 1.53 -2.20
C PHE B 155 -4.06 0.88 -2.12
N VAL B 156 -5.12 1.69 -2.20
CA VAL B 156 -6.48 1.16 -2.12
C VAL B 156 -6.79 0.34 -3.37
N GLU B 157 -6.34 0.80 -4.54
CA GLU B 157 -6.45 0.02 -5.77
C GLU B 157 -5.74 -1.33 -5.66
N ALA B 158 -4.58 -1.32 -5.01
CA ALA B 158 -3.79 -2.53 -4.84
C ALA B 158 -4.50 -3.56 -3.97
N LEU B 159 -4.97 -3.11 -2.80
CA LEU B 159 -5.68 -3.99 -1.87
C LEU B 159 -6.83 -4.70 -2.59
N ILE B 160 -7.69 -3.92 -3.24
CA ILE B 160 -8.79 -4.48 -3.96
C ILE B 160 -8.31 -5.41 -5.09
N GLN B 161 -7.30 -4.99 -5.85
CA GLN B 161 -6.79 -5.84 -6.93
C GLN B 161 -6.41 -7.18 -6.33
N CYS B 162 -5.71 -7.11 -5.21
CA CYS B 162 -5.30 -8.30 -4.47
C CYS B 162 -6.52 -9.09 -4.03
N ASN B 163 -7.53 -8.40 -3.51
CA ASN B 163 -8.76 -9.08 -3.10
C ASN B 163 -9.44 -9.80 -4.25
N LEU B 164 -9.50 -9.16 -5.42
CA LEU B 164 -10.12 -9.79 -6.58
C LEU B 164 -9.29 -10.97 -7.10
N ASN B 165 -7.97 -10.79 -7.14
CA ASN B 165 -7.05 -11.87 -7.54
C ASN B 165 -7.28 -13.12 -6.71
N SER B 166 -7.51 -12.90 -5.42
CA SER B 166 -7.70 -14.01 -4.51
C SER B 166 -9.05 -14.67 -4.72
N LEU B 167 -10.07 -13.87 -5.05
CA LEU B 167 -11.38 -14.39 -5.37
C LEU B 167 -11.27 -15.36 -6.55
N ALA B 168 -10.53 -14.94 -7.57
CA ALA B 168 -10.28 -15.78 -8.74
C ALA B 168 -9.66 -17.12 -8.34
N ASP B 169 -8.52 -17.08 -7.66
CA ASP B 169 -7.86 -18.31 -7.23
C ASP B 169 -8.83 -19.19 -6.47
N VAL B 170 -9.51 -18.61 -5.47
CA VAL B 170 -10.45 -19.36 -4.63
C VAL B 170 -11.57 -20.00 -5.47
N THR B 171 -12.29 -19.17 -6.21
CA THR B 171 -13.40 -19.64 -7.04
C THR B 171 -12.97 -20.71 -8.04
N GLU B 172 -11.82 -20.50 -8.67
CA GLU B 172 -11.33 -21.43 -9.71
C GLU B 172 -10.89 -22.79 -9.15
N ARG B 173 -10.29 -22.80 -7.96
CA ARG B 173 -10.03 -24.06 -7.28
C ARG B 173 -11.35 -24.76 -7.03
N LEU B 174 -12.39 -24.00 -6.69
CA LEU B 174 -13.72 -24.56 -6.42
C LEU B 174 -14.35 -25.14 -7.67
N GLN B 175 -14.25 -24.40 -8.77
CA GLN B 175 -14.72 -24.85 -10.07
C GLN B 175 -13.92 -26.01 -10.67
N ALA B 176 -12.70 -26.19 -10.19
CA ALA B 176 -11.81 -27.26 -10.64
C ALA B 176 -12.08 -28.45 -9.74
N GLU B 177 -12.30 -28.18 -8.45
CA GLU B 177 -12.66 -29.21 -7.50
C GLU B 177 -13.93 -29.94 -7.91
N SER B 178 -14.81 -29.24 -8.61
CA SER B 178 -16.06 -29.84 -9.08
C SER B 178 -15.88 -30.90 -10.17
N MET B 179 -14.64 -31.13 -10.56
CA MET B 179 -14.31 -32.12 -11.60
C MET B 179 -13.13 -33.03 -11.24
S SO4 C . -7.43 -10.35 -15.12
O1 SO4 C . -8.86 -10.48 -14.84
O2 SO4 C . -7.24 -9.44 -16.27
O3 SO4 C . -6.79 -9.84 -13.91
O4 SO4 C . -6.81 -11.62 -15.48
#